data_2YZ2
#
_entry.id   2YZ2
#
_cell.length_a   148.499
_cell.length_b   148.499
_cell.length_c   106.967
_cell.angle_alpha   90.00
_cell.angle_beta   90.00
_cell.angle_gamma   120.00
#
_symmetry.space_group_name_H-M   'P 64 2 2'
#
loop_
_entity.id
_entity.type
_entity.pdbx_description
1 polymer 'Putative ABC transporter ATP-binding protein TM_0222'
2 water water
#
_entity_poly.entity_id   1
_entity_poly.type   'polypeptide(L)'
_entity_poly.pdbx_seq_one_letter_code
;MRIEVVNVSHIFHRGTPLEKKALENVSLVINEGECLLVAGNTGSGKSTLLQIVAGLIEPTSGDVLYDGERKKGYEIRRNI
GIAFQYPEDQFFAERVFDEVAFAVKNFYPDRDPVPLVKKAMEFVGLDFDSFKDRVPFFLSGGEKRRVAIASVIVHEPDIL
ILDEPLVGLDREGKTDLLRIVEKWKTLGKTVILISHDIETVINHVDRVVVLEKGKKVFDGTRMEFLEKYDPRFFTSKMLV
MRRLVLKGEDPFSMSDDELLERVCNS
;
_entity_poly.pdbx_strand_id   A,B
#
# COMPACT_ATOMS: atom_id res chain seq x y z
N MET A 1 6.31 30.05 -5.16
CA MET A 1 4.90 30.28 -4.76
C MET A 1 4.68 29.84 -3.33
N ARG A 2 4.37 30.84 -2.51
CA ARG A 2 3.83 30.68 -1.19
C ARG A 2 2.38 30.23 -1.25
N ILE A 3 2.04 29.20 -0.48
CA ILE A 3 0.66 28.75 -0.37
C ILE A 3 0.19 29.00 1.04
N GLU A 4 -0.99 29.59 1.18
CA GLU A 4 -1.56 29.63 2.50
C GLU A 4 -2.99 29.20 2.41
N VAL A 5 -3.31 28.19 3.19
CA VAL A 5 -4.67 27.75 3.27
C VAL A 5 -5.36 28.51 4.47
N VAL A 6 -6.50 29.12 4.19
CA VAL A 6 -7.24 29.98 5.17
C VAL A 6 -8.63 29.43 5.41
N ASN A 7 -8.82 28.78 6.56
CA ASN A 7 -10.13 28.39 7.07
C ASN A 7 -10.91 27.59 6.04
N VAL A 8 -10.21 26.60 5.44
CA VAL A 8 -10.85 25.86 4.40
C VAL A 8 -11.73 24.71 4.89
N SER A 9 -12.98 24.65 4.44
CA SER A 9 -13.80 23.52 4.75
C SER A 9 -14.25 22.92 3.42
N HIS A 10 -14.61 21.66 3.42
CA HIS A 10 -15.10 21.06 2.21
C HIS A 10 -16.04 19.93 2.43
N ILE A 11 -17.12 19.96 1.67
CA ILE A 11 -18.12 18.94 1.79
C ILE A 11 -18.49 18.31 0.47
N PHE A 12 -18.48 17.00 0.44
CA PHE A 12 -19.02 16.34 -0.76
C PHE A 12 -20.49 15.92 -0.57
N HIS A 13 -21.23 15.96 -1.69
CA HIS A 13 -22.55 15.41 -1.82
C HIS A 13 -23.52 16.02 -0.82
N ARG A 14 -23.36 17.30 -0.52
CA ARG A 14 -24.31 18.00 0.41
C ARG A 14 -25.85 17.77 0.27
N GLY A 15 -26.51 17.67 1.41
CA GLY A 15 -27.96 17.55 1.43
C GLY A 15 -28.42 16.13 1.19
N THR A 16 -27.51 15.34 0.57
CA THR A 16 -27.83 13.94 0.27
C THR A 16 -27.47 13.06 1.44
N PRO A 17 -27.98 11.81 1.42
CA PRO A 17 -27.48 10.87 2.41
C PRO A 17 -26.05 10.42 2.13
N LEU A 18 -25.45 10.89 1.01
CA LEU A 18 -24.08 10.53 0.75
C LEU A 18 -23.17 11.64 1.31
N GLU A 19 -23.74 12.69 1.87
CA GLU A 19 -22.96 13.79 2.36
C GLU A 19 -21.77 13.36 3.23
N LYS A 20 -20.57 13.92 2.95
CA LYS A 20 -19.39 13.74 3.77
C LYS A 20 -18.63 15.05 3.91
N LYS A 21 -18.46 15.57 5.14
CA LYS A 21 -17.57 16.70 5.34
C LYS A 21 -16.08 16.26 5.22
N ALA A 22 -15.37 16.57 4.14
CA ALA A 22 -14.00 16.07 4.00
C ALA A 22 -13.02 16.86 4.85
N LEU A 23 -13.28 18.17 5.01
CA LEU A 23 -12.35 19.10 5.62
C LEU A 23 -13.11 20.05 6.53
N GLU A 24 -12.54 20.37 7.68
CA GLU A 24 -13.21 21.37 8.56
C GLU A 24 -12.29 22.44 9.13
N ASN A 25 -12.45 23.69 8.60
CA ASN A 25 -11.71 24.84 9.07
C ASN A 25 -10.22 24.65 9.08
N VAL A 26 -9.65 24.12 8.00
CA VAL A 26 -8.18 23.89 8.02
C VAL A 26 -7.45 25.17 7.57
N SER A 27 -6.51 25.61 8.40
CA SER A 27 -5.55 26.63 8.04
C SER A 27 -4.10 26.11 7.99
N LEU A 28 -3.37 26.52 6.98
CA LEU A 28 -2.01 25.99 6.76
C LEU A 28 -1.17 26.94 5.88
N VAL A 29 0.05 27.19 6.32
CA VAL A 29 0.99 27.88 5.47
C VAL A 29 2.05 26.94 4.92
N ILE A 30 2.34 27.08 3.63
CA ILE A 30 3.46 26.43 2.97
C ILE A 30 4.37 27.41 2.18
N ASN A 31 5.55 27.59 2.73
CA ASN A 31 6.53 28.54 2.17
C ASN A 31 7.37 27.90 1.11
N GLU A 32 7.87 28.77 0.24
CA GLU A 32 8.63 28.40 -0.92
C GLU A 32 9.73 27.47 -0.40
N GLY A 33 9.79 26.26 -0.93
CA GLY A 33 10.95 25.43 -0.66
C GLY A 33 10.78 24.43 0.48
N GLU A 34 9.67 24.50 1.19
CA GLU A 34 9.47 23.61 2.35
C GLU A 34 9.33 22.13 1.95
N CYS A 35 9.82 21.19 2.73
CA CYS A 35 9.45 19.78 2.46
C CYS A 35 8.39 19.35 3.47
N LEU A 36 7.18 19.14 2.99
CA LEU A 36 6.08 18.89 3.89
C LEU A 36 5.46 17.49 3.70
N LEU A 37 5.29 16.78 4.83
CA LEU A 37 4.51 15.56 4.82
C LEU A 37 3.14 15.87 5.41
N VAL A 38 2.09 15.57 4.66
CA VAL A 38 0.73 15.59 5.16
C VAL A 38 0.24 14.19 5.46
N ALA A 39 -0.12 13.91 6.71
CA ALA A 39 -0.51 12.54 7.14
C ALA A 39 -1.87 12.47 7.80
N GLY A 40 -2.26 11.26 8.15
CA GLY A 40 -3.53 10.92 8.78
C GLY A 40 -4.09 9.69 8.09
N ASN A 41 -5.07 9.08 8.72
CA ASN A 41 -5.84 7.98 8.15
C ASN A 41 -6.42 8.23 6.73
N THR A 42 -6.74 7.14 6.05
CA THR A 42 -7.53 7.13 4.81
C THR A 42 -8.86 7.82 5.21
N GLY A 43 -9.31 8.77 4.40
CA GLY A 43 -10.46 9.55 4.89
C GLY A 43 -10.25 10.64 5.94
N SER A 44 -9.02 10.95 6.30
CA SER A 44 -8.79 12.14 7.13
C SER A 44 -8.95 13.48 6.34
N GLY A 45 -9.12 13.41 5.01
CA GLY A 45 -9.15 14.60 4.21
C GLY A 45 -7.84 15.02 3.57
N LYS A 46 -6.75 14.30 3.84
CA LYS A 46 -5.44 14.69 3.33
C LYS A 46 -5.35 14.85 1.82
N SER A 47 -5.96 13.99 1.04
CA SER A 47 -5.79 14.14 -0.41
C SER A 47 -6.65 15.28 -0.81
N THR A 48 -7.86 15.34 -0.28
CA THR A 48 -8.82 16.37 -0.71
C THR A 48 -8.25 17.78 -0.49
N LEU A 49 -7.64 18.02 0.66
CA LEU A 49 -6.81 19.21 0.95
C LEU A 49 -5.77 19.63 -0.15
N LEU A 50 -5.00 18.66 -0.60
CA LEU A 50 -3.97 18.97 -1.59
C LEU A 50 -4.52 19.06 -3.00
N GLN A 51 -5.68 18.42 -3.24
CA GLN A 51 -6.43 18.62 -4.48
C GLN A 51 -6.96 20.07 -4.57
N ILE A 52 -7.44 20.57 -3.45
CA ILE A 52 -7.82 21.96 -3.32
C ILE A 52 -6.63 22.90 -3.51
N VAL A 53 -5.57 22.75 -2.71
CA VAL A 53 -4.32 23.51 -2.90
C VAL A 53 -3.88 23.49 -4.36
N ALA A 54 -3.88 22.31 -5.01
CA ALA A 54 -3.49 22.21 -6.40
C ALA A 54 -4.41 22.93 -7.35
N GLY A 55 -5.64 23.34 -6.94
CA GLY A 55 -6.54 23.99 -7.88
C GLY A 55 -7.44 23.04 -8.69
N LEU A 56 -7.57 21.82 -8.23
CA LEU A 56 -8.45 20.85 -8.95
C LEU A 56 -9.89 20.83 -8.45
N ILE A 57 -10.05 21.21 -7.17
CA ILE A 57 -11.33 21.19 -6.46
C ILE A 57 -11.60 22.59 -5.92
N GLU A 58 -12.77 23.16 -6.22
CA GLU A 58 -13.04 24.45 -5.65
C GLU A 58 -13.66 24.18 -4.29
N PRO A 59 -13.07 24.71 -3.20
CA PRO A 59 -13.58 24.34 -1.86
C PRO A 59 -14.92 25.00 -1.47
N THR A 60 -15.75 24.26 -0.76
CA THR A 60 -17.00 24.69 -0.17
C THR A 60 -16.91 26.04 0.54
N SER A 61 -15.88 26.19 1.38
CA SER A 61 -15.66 27.47 2.04
C SER A 61 -14.17 27.78 2.33
N GLY A 62 -13.85 29.04 2.59
CA GLY A 62 -12.50 29.42 2.91
C GLY A 62 -11.73 29.58 1.62
N ASP A 63 -10.42 29.84 1.69
CA ASP A 63 -9.71 30.18 0.49
C ASP A 63 -8.28 29.66 0.54
N VAL A 64 -7.64 29.50 -0.62
CA VAL A 64 -6.23 29.29 -0.68
C VAL A 64 -5.66 30.52 -1.36
N LEU A 65 -4.64 31.06 -0.73
CA LEU A 65 -3.92 32.20 -1.26
C LEU A 65 -2.62 31.71 -1.86
N TYR A 66 -2.20 32.36 -2.93
CA TYR A 66 -1.06 31.93 -3.67
C TYR A 66 -0.25 33.19 -3.80
N ASP A 67 0.85 33.28 -3.05
CA ASP A 67 1.59 34.49 -2.99
C ASP A 67 0.69 35.56 -2.36
N GLY A 68 -0.24 35.16 -1.50
CA GLY A 68 -1.11 36.15 -0.88
C GLY A 68 -2.34 36.48 -1.64
N GLU A 69 -2.50 35.95 -2.84
CA GLU A 69 -3.66 36.33 -3.68
C GLU A 69 -4.64 35.18 -3.78
N ARG A 70 -5.90 35.53 -3.90
CA ARG A 70 -6.95 34.62 -4.28
C ARG A 70 -6.79 34.30 -5.77
N LYS A 71 -6.94 33.00 -6.06
CA LYS A 71 -6.88 32.50 -7.42
C LYS A 71 -7.90 31.38 -7.53
N LYS A 72 -8.67 31.38 -8.59
CA LYS A 72 -9.36 30.17 -9.09
C LYS A 72 -8.36 29.09 -9.48
N GLY A 73 -8.67 27.82 -9.23
CA GLY A 73 -7.79 26.72 -9.61
C GLY A 73 -7.05 26.79 -10.92
N TYR A 74 -7.75 27.09 -12.01
CA TYR A 74 -7.15 27.08 -13.32
C TYR A 74 -6.15 28.21 -13.48
N GLU A 75 -6.22 29.22 -12.59
CA GLU A 75 -5.22 30.29 -12.65
C GLU A 75 -3.85 29.90 -12.14
N ILE A 76 -3.81 28.98 -11.20
CA ILE A 76 -2.57 28.47 -10.70
C ILE A 76 -2.20 26.99 -11.02
N ARG A 77 -3.08 26.24 -11.71
CA ARG A 77 -2.72 24.87 -12.15
C ARG A 77 -1.26 24.67 -12.62
N ARG A 78 -0.81 25.51 -13.55
CA ARG A 78 0.60 25.61 -14.03
C ARG A 78 1.73 25.64 -13.00
N ASN A 79 1.44 26.27 -11.85
CA ASN A 79 2.42 26.34 -10.80
C ASN A 79 2.59 25.07 -10.00
N ILE A 80 1.62 24.15 -10.12
CA ILE A 80 1.58 23.00 -9.25
C ILE A 80 1.47 21.71 -10.05
N GLY A 81 2.49 20.88 -9.97
CA GLY A 81 2.42 19.59 -10.57
C GLY A 81 1.98 18.64 -9.46
N ILE A 82 0.85 17.97 -9.67
CA ILE A 82 0.32 17.00 -8.68
C ILE A 82 0.28 15.59 -9.27
N ALA A 83 0.98 14.65 -8.66
CA ALA A 83 0.75 13.24 -9.03
C ALA A 83 -0.20 12.54 -8.08
N PHE A 84 -1.22 11.97 -8.45
N PHE A 84 -1.32 12.04 -8.65
CA PHE A 84 -2.16 11.30 -7.66
CA PHE A 84 -2.26 11.19 -7.91
C PHE A 84 -1.65 9.89 -7.59
C PHE A 84 -1.61 9.86 -7.64
N GLN A 85 -2.27 9.02 -6.86
CA GLN A 85 -1.83 7.61 -6.63
C GLN A 85 -1.80 6.83 -7.98
N TYR A 86 -0.80 5.93 -8.15
CA TYR A 86 -0.64 5.19 -9.41
C TYR A 86 -0.83 6.12 -10.62
N PRO A 87 0.01 7.19 -10.71
CA PRO A 87 -0.21 8.13 -11.80
C PRO A 87 0.07 7.42 -13.14
N GLU A 88 0.86 6.36 -13.15
CA GLU A 88 1.02 5.57 -14.38
C GLU A 88 -0.29 5.02 -15.00
N ASP A 89 -1.39 4.94 -14.22
CA ASP A 89 -2.61 4.38 -14.76
C ASP A 89 -3.23 5.37 -15.78
N GLN A 90 -2.73 6.59 -15.82
CA GLN A 90 -3.21 7.56 -16.78
C GLN A 90 -2.49 7.57 -18.16
N PHE A 91 -1.55 6.66 -18.39
CA PHE A 91 -0.80 6.68 -19.70
C PHE A 91 -1.78 6.54 -20.89
N PHE A 92 -1.55 7.28 -21.97
CA PHE A 92 -2.30 7.12 -23.23
C PHE A 92 -1.31 6.64 -24.32
N ALA A 93 -0.01 6.92 -24.16
CA ALA A 93 0.95 6.86 -25.30
C ALA A 93 1.59 5.51 -25.53
N GLU A 94 2.14 5.34 -26.73
CA GLU A 94 2.82 4.10 -27.06
C GLU A 94 4.32 4.20 -26.85
N ARG A 95 4.82 5.33 -26.39
CA ARG A 95 6.26 5.46 -26.07
C ARG A 95 6.45 6.55 -25.03
N VAL A 96 7.54 6.44 -24.29
CA VAL A 96 7.82 7.31 -23.19
C VAL A 96 7.88 8.77 -23.65
N PHE A 97 8.57 9.04 -24.79
CA PHE A 97 8.66 10.40 -25.27
C PHE A 97 7.31 11.14 -25.43
N ASP A 98 6.37 10.51 -26.12
CA ASP A 98 5.06 11.09 -26.49
C ASP A 98 4.20 11.46 -25.28
N GLU A 99 4.21 10.57 -24.29
CA GLU A 99 3.49 10.72 -23.00
C GLU A 99 4.00 11.94 -22.28
N VAL A 100 5.33 12.02 -22.07
CA VAL A 100 5.89 13.19 -21.42
C VAL A 100 5.68 14.46 -22.27
N ALA A 101 5.85 14.33 -23.60
CA ALA A 101 5.75 15.42 -24.55
C ALA A 101 4.37 15.95 -24.62
N PHE A 102 3.39 15.06 -24.48
CA PHE A 102 2.04 15.54 -24.37
C PHE A 102 1.85 16.71 -23.40
N ALA A 103 2.52 16.60 -22.26
CA ALA A 103 2.34 17.60 -21.19
C ALA A 103 3.02 18.99 -21.51
N VAL A 104 3.72 19.07 -22.64
CA VAL A 104 4.41 20.27 -23.01
C VAL A 104 3.56 21.12 -23.89
N LYS A 105 2.69 20.44 -24.63
CA LYS A 105 2.16 21.08 -25.84
C LYS A 105 1.09 22.18 -25.59
N ASN A 106 0.51 22.18 -24.40
CA ASN A 106 -0.55 23.16 -24.14
C ASN A 106 0.16 24.46 -23.79
N PHE A 107 1.03 24.39 -22.80
CA PHE A 107 1.80 25.51 -22.35
C PHE A 107 2.76 25.99 -23.42
N TYR A 108 3.31 25.09 -24.25
CA TYR A 108 4.28 25.59 -25.26
C TYR A 108 3.99 25.11 -26.63
N PRO A 109 2.84 25.55 -27.19
CA PRO A 109 2.28 24.88 -28.36
C PRO A 109 3.18 24.97 -29.58
N ASP A 110 4.15 25.89 -29.54
CA ASP A 110 4.96 26.15 -30.73
C ASP A 110 6.41 25.72 -30.57
N ARG A 111 6.75 25.49 -29.31
CA ARG A 111 8.05 24.97 -28.92
C ARG A 111 8.25 23.46 -29.14
N ASP A 112 9.42 23.14 -29.66
CA ASP A 112 9.87 21.77 -29.81
C ASP A 112 10.06 21.20 -28.40
N PRO A 113 9.28 20.18 -28.07
CA PRO A 113 9.21 19.66 -26.69
C PRO A 113 10.47 18.89 -26.24
N VAL A 114 11.40 18.60 -27.17
CA VAL A 114 12.51 17.72 -26.84
C VAL A 114 13.27 18.20 -25.57
N PRO A 115 13.70 19.49 -25.52
CA PRO A 115 14.57 19.88 -24.39
C PRO A 115 13.89 19.71 -23.03
N LEU A 116 12.63 20.08 -22.98
CA LEU A 116 11.92 19.96 -21.74
C LEU A 116 11.73 18.48 -21.42
N VAL A 117 11.37 17.69 -22.44
CA VAL A 117 11.11 16.26 -22.21
C VAL A 117 12.37 15.60 -21.61
N LYS A 118 13.49 15.89 -22.24
CA LYS A 118 14.74 15.38 -21.84
C LYS A 118 15.16 15.79 -20.44
N LYS A 119 14.94 17.05 -20.05
CA LYS A 119 15.17 17.44 -18.62
C LYS A 119 14.24 16.73 -17.63
N ALA A 120 12.98 16.56 -18.00
CA ALA A 120 12.03 15.88 -17.11
C ALA A 120 12.45 14.39 -16.92
N MET A 121 12.70 13.69 -18.02
CA MET A 121 13.22 12.31 -17.96
C MET A 121 14.48 12.22 -17.14
N GLU A 122 15.43 13.07 -17.44
CA GLU A 122 16.65 13.06 -16.74
C GLU A 122 16.42 13.38 -15.27
N PHE A 123 15.54 14.37 -14.92
CA PHE A 123 15.19 14.69 -13.53
C PHE A 123 14.76 13.43 -12.68
N VAL A 124 13.93 12.59 -13.30
CA VAL A 124 13.37 11.43 -12.63
C VAL A 124 14.25 10.21 -12.87
N GLY A 125 15.43 10.44 -13.39
CA GLY A 125 16.47 9.40 -13.36
C GLY A 125 16.32 8.37 -14.50
N LEU A 126 15.62 8.79 -15.55
CA LEU A 126 15.41 7.99 -16.73
C LEU A 126 16.26 8.53 -17.86
N ASP A 127 17.45 7.94 -18.07
CA ASP A 127 18.31 8.31 -19.23
C ASP A 127 17.44 8.46 -20.47
N PHE A 128 17.46 9.65 -21.06
CA PHE A 128 16.69 10.01 -22.21
C PHE A 128 16.71 9.08 -23.41
N ASP A 129 17.92 8.73 -23.87
CA ASP A 129 18.08 7.90 -25.06
C ASP A 129 17.70 6.46 -24.77
N SER A 130 18.11 5.98 -23.62
CA SER A 130 17.65 4.73 -23.15
C SER A 130 16.11 4.57 -23.07
N PHE A 131 15.33 5.59 -22.65
CA PHE A 131 13.90 5.36 -22.50
C PHE A 131 12.96 5.98 -23.47
N LYS A 132 13.43 6.88 -24.33
CA LYS A 132 12.49 7.68 -25.06
C LYS A 132 11.62 6.86 -26.01
N ASP A 133 12.09 5.76 -26.56
CA ASP A 133 11.24 4.93 -27.43
C ASP A 133 10.76 3.66 -26.72
N ARG A 134 10.88 3.62 -25.39
CA ARG A 134 10.31 2.53 -24.61
C ARG A 134 8.81 2.63 -24.63
N VAL A 135 8.17 1.47 -24.68
CA VAL A 135 6.69 1.38 -24.71
C VAL A 135 6.30 1.36 -23.24
N PRO A 136 5.67 2.44 -22.74
CA PRO A 136 5.41 2.54 -21.30
C PRO A 136 4.76 1.29 -20.67
N PHE A 137 3.80 0.69 -21.34
CA PHE A 137 3.14 -0.54 -20.83
C PHE A 137 4.15 -1.64 -20.37
N PHE A 138 5.34 -1.64 -20.97
CA PHE A 138 6.27 -2.76 -20.80
C PHE A 138 7.40 -2.48 -19.83
N LEU A 139 7.35 -1.30 -19.22
CA LEU A 139 8.31 -0.90 -18.24
C LEU A 139 8.10 -1.56 -16.89
N SER A 140 9.11 -1.45 -16.03
CA SER A 140 8.93 -1.93 -14.66
C SER A 140 7.99 -1.00 -13.89
N GLY A 141 7.41 -1.50 -12.78
CA GLY A 141 6.69 -0.64 -11.83
C GLY A 141 7.39 0.69 -11.47
N GLY A 142 8.64 0.70 -11.11
CA GLY A 142 9.29 1.94 -10.71
C GLY A 142 9.52 2.90 -11.86
N GLU A 143 9.89 2.33 -13.02
CA GLU A 143 10.12 3.17 -14.22
C GLU A 143 8.81 3.80 -14.66
N LYS A 144 7.71 3.03 -14.62
CA LYS A 144 6.38 3.63 -14.95
C LYS A 144 6.03 4.81 -14.05
N ARG A 145 6.19 4.64 -12.76
CA ARG A 145 5.92 5.68 -11.83
C ARG A 145 6.71 6.96 -12.18
N ARG A 146 8.00 6.75 -12.56
CA ARG A 146 8.89 7.87 -12.91
C ARG A 146 8.53 8.57 -14.17
N VAL A 147 8.15 7.83 -15.24
CA VAL A 147 7.65 8.47 -16.44
C VAL A 147 6.40 9.36 -16.11
N ALA A 148 5.46 8.83 -15.33
CA ALA A 148 4.30 9.59 -14.84
C ALA A 148 4.72 10.83 -14.05
N ILE A 149 5.70 10.73 -13.14
CA ILE A 149 6.18 11.92 -12.47
C ILE A 149 6.74 12.91 -13.54
N ALA A 150 7.60 12.40 -14.45
CA ALA A 150 8.25 13.25 -15.45
C ALA A 150 7.18 14.05 -16.13
N SER A 151 6.05 13.44 -16.44
CA SER A 151 5.06 14.21 -17.21
C SER A 151 4.30 15.24 -16.35
N VAL A 152 4.34 15.07 -15.05
CA VAL A 152 3.80 16.05 -14.11
C VAL A 152 4.69 17.27 -13.95
N ILE A 153 6.01 17.06 -13.88
CA ILE A 153 6.95 18.16 -13.67
C ILE A 153 7.53 18.69 -14.98
N VAL A 154 7.11 18.16 -16.13
CA VAL A 154 7.86 18.53 -17.36
C VAL A 154 7.91 20.06 -17.57
N HIS A 155 6.80 20.73 -17.31
CA HIS A 155 6.74 22.20 -17.47
C HIS A 155 7.39 22.96 -16.29
N GLU A 156 7.89 22.27 -15.26
CA GLU A 156 8.66 22.92 -14.17
C GLU A 156 7.73 23.79 -13.27
N PRO A 157 6.74 23.17 -12.64
CA PRO A 157 5.90 23.92 -11.70
C PRO A 157 6.75 24.25 -10.50
N ASP A 158 6.35 25.26 -9.72
CA ASP A 158 7.07 25.55 -8.46
C ASP A 158 6.88 24.52 -7.37
N ILE A 159 5.79 23.80 -7.46
CA ILE A 159 5.38 23.00 -6.33
C ILE A 159 5.15 21.65 -6.89
N LEU A 160 5.59 20.64 -6.20
CA LEU A 160 5.27 19.28 -6.50
C LEU A 160 4.50 18.66 -5.35
N ILE A 161 3.35 18.06 -5.68
CA ILE A 161 2.54 17.27 -4.73
C ILE A 161 2.52 15.77 -5.17
N LEU A 162 2.93 14.87 -4.31
CA LEU A 162 2.88 13.43 -4.65
C LEU A 162 1.90 12.70 -3.72
N ASP A 163 0.83 12.13 -4.31
CA ASP A 163 -0.07 11.35 -3.47
C ASP A 163 0.43 9.93 -3.29
N GLU A 164 0.93 9.62 -2.09
CA GLU A 164 1.39 8.32 -1.76
C GLU A 164 2.36 7.75 -2.88
N PRO A 165 3.50 8.44 -3.03
CA PRO A 165 4.41 8.14 -4.17
C PRO A 165 5.08 6.75 -4.12
N LEU A 166 5.05 6.11 -2.95
CA LEU A 166 5.81 4.87 -2.68
C LEU A 166 5.02 3.61 -2.84
N VAL A 167 3.72 3.75 -3.07
CA VAL A 167 2.79 2.66 -3.04
C VAL A 167 2.98 1.65 -4.17
N GLY A 168 3.04 0.38 -3.83
CA GLY A 168 3.13 -0.69 -4.82
C GLY A 168 4.51 -0.96 -5.35
N LEU A 169 5.50 -0.13 -4.96
CA LEU A 169 6.89 -0.21 -5.52
C LEU A 169 7.76 -1.11 -4.67
N ASP A 170 8.67 -1.82 -5.30
CA ASP A 170 9.74 -2.49 -4.56
C ASP A 170 10.80 -1.54 -3.93
N ARG A 171 11.88 -2.14 -3.43
CA ARG A 171 12.91 -1.52 -2.62
C ARG A 171 13.64 -0.45 -3.42
N GLU A 172 13.95 -0.79 -4.67
CA GLU A 172 14.74 0.10 -5.52
C GLU A 172 13.87 1.16 -6.11
N GLY A 173 12.59 0.79 -6.36
CA GLY A 173 11.54 1.74 -6.75
C GLY A 173 11.44 2.90 -5.77
N LYS A 174 11.44 2.57 -4.49
CA LYS A 174 11.29 3.52 -3.42
C LYS A 174 12.49 4.41 -3.39
N THR A 175 13.69 3.83 -3.46
CA THR A 175 14.89 4.64 -3.38
C THR A 175 14.92 5.61 -4.55
N ASP A 176 14.54 5.14 -5.72
CA ASP A 176 14.46 5.99 -6.90
C ASP A 176 13.40 7.14 -6.73
N LEU A 177 12.27 6.80 -6.09
CA LEU A 177 11.24 7.77 -5.87
C LEU A 177 11.74 8.85 -4.98
N LEU A 178 12.29 8.45 -3.83
CA LEU A 178 12.79 9.40 -2.82
C LEU A 178 13.97 10.25 -3.33
N ARG A 179 14.72 9.72 -4.30
CA ARG A 179 15.74 10.48 -4.99
C ARG A 179 15.17 11.69 -5.79
N ILE A 180 14.04 11.48 -6.42
CA ILE A 180 13.32 12.59 -7.03
C ILE A 180 12.98 13.71 -6.00
N VAL A 181 12.53 13.29 -4.82
CA VAL A 181 12.08 14.24 -3.73
C VAL A 181 13.24 15.10 -3.23
N GLU A 182 14.40 14.45 -3.03
CA GLU A 182 15.69 15.08 -2.63
C GLU A 182 16.23 16.04 -3.66
N LYS A 183 16.11 15.72 -4.94
CA LYS A 183 16.47 16.62 -5.98
C LYS A 183 15.53 17.87 -5.99
N TRP A 184 14.24 17.65 -6.04
CA TRP A 184 13.36 18.73 -6.09
C TRP A 184 13.70 19.72 -4.93
N LYS A 185 13.93 19.19 -3.74
CA LYS A 185 14.31 20.00 -2.59
C LYS A 185 15.64 20.74 -2.72
N THR A 186 16.60 20.09 -3.37
CA THR A 186 17.93 20.66 -3.52
C THR A 186 17.77 21.87 -4.39
N LEU A 187 16.77 21.85 -5.25
CA LEU A 187 16.56 22.97 -6.11
C LEU A 187 15.87 24.13 -5.38
N GLY A 188 15.50 23.88 -4.13
CA GLY A 188 14.82 24.93 -3.35
C GLY A 188 13.31 25.01 -3.62
N LYS A 189 12.75 23.99 -4.23
CA LYS A 189 11.34 24.06 -4.55
C LYS A 189 10.51 23.28 -3.52
N THR A 190 9.24 23.64 -3.45
CA THR A 190 8.30 23.08 -2.49
C THR A 190 7.92 21.67 -2.89
N VAL A 191 8.11 20.72 -1.98
CA VAL A 191 7.50 19.42 -2.22
C VAL A 191 6.58 18.95 -1.07
N ILE A 192 5.38 18.51 -1.40
CA ILE A 192 4.46 17.96 -0.41
C ILE A 192 4.16 16.47 -0.75
N LEU A 193 4.32 15.63 0.26
CA LEU A 193 4.05 14.20 0.22
C LEU A 193 2.82 13.95 1.11
N ILE A 194 1.92 13.08 0.64
CA ILE A 194 0.70 12.69 1.29
C ILE A 194 0.88 11.21 1.53
N SER A 195 0.91 10.84 2.80
CA SER A 195 1.09 9.44 3.15
C SER A 195 0.54 9.17 4.57
N HIS A 196 -0.22 8.09 4.71
CA HIS A 196 -0.62 7.59 6.01
C HIS A 196 0.59 7.09 6.75
N ASP A 197 1.57 6.48 6.07
CA ASP A 197 2.68 5.99 6.84
C ASP A 197 3.95 6.87 6.87
N ILE A 198 4.16 7.44 8.05
CA ILE A 198 5.18 8.41 8.34
C ILE A 198 6.58 7.82 8.34
N GLU A 199 6.73 6.62 8.91
CA GLU A 199 8.08 6.08 9.17
C GLU A 199 9.05 6.05 7.94
N THR A 200 8.49 5.79 6.78
CA THR A 200 9.27 5.60 5.58
C THR A 200 9.43 6.90 4.75
N VAL A 201 8.86 8.03 5.22
CA VAL A 201 9.12 9.33 4.55
C VAL A 201 9.57 10.49 5.44
N ILE A 202 9.58 10.27 6.76
CA ILE A 202 9.86 11.33 7.75
C ILE A 202 11.31 11.80 7.66
N ASN A 203 12.19 10.86 7.44
CA ASN A 203 13.57 11.20 7.11
C ASN A 203 13.78 12.09 5.87
N HIS A 204 12.76 12.25 5.02
CA HIS A 204 12.91 13.09 3.82
C HIS A 204 12.16 14.39 3.79
N VAL A 205 11.53 14.77 4.91
CA VAL A 205 10.74 16.01 5.07
C VAL A 205 11.19 16.88 6.24
N ASP A 206 10.72 18.13 6.31
CA ASP A 206 11.11 19.11 7.35
C ASP A 206 10.02 19.22 8.38
N ARG A 207 8.78 19.09 7.92
CA ARG A 207 7.68 19.18 8.80
C ARG A 207 6.56 18.22 8.41
N VAL A 208 5.70 18.03 9.40
CA VAL A 208 4.63 17.11 9.37
C VAL A 208 3.35 17.84 9.76
N VAL A 209 2.32 17.65 8.95
CA VAL A 209 1.02 18.10 9.30
C VAL A 209 0.21 16.82 9.41
N VAL A 210 -0.63 16.75 10.42
CA VAL A 210 -1.55 15.63 10.58
C VAL A 210 -3.03 16.08 10.57
N LEU A 211 -3.83 15.36 9.77
CA LEU A 211 -5.28 15.55 9.69
C LEU A 211 -5.98 14.34 10.32
N GLU A 212 -7.08 14.62 11.00
CA GLU A 212 -7.93 13.59 11.59
C GLU A 212 -9.33 14.02 11.24
N LYS A 213 -10.09 13.17 10.55
CA LYS A 213 -11.49 13.43 10.27
C LYS A 213 -11.72 14.86 9.80
N GLY A 214 -10.92 15.31 8.84
CA GLY A 214 -11.09 16.62 8.28
C GLY A 214 -10.53 17.80 9.05
N LYS A 215 -9.85 17.53 10.14
CA LYS A 215 -9.32 18.57 11.01
C LYS A 215 -7.80 18.45 11.19
N LYS A 216 -7.11 19.59 11.23
CA LYS A 216 -5.66 19.59 11.52
C LYS A 216 -5.47 19.52 13.04
N VAL A 217 -4.70 18.50 13.44
CA VAL A 217 -4.40 18.14 14.85
C VAL A 217 -2.94 18.32 15.19
N PHE A 218 -2.11 18.41 14.14
CA PHE A 218 -0.69 18.69 14.36
C PHE A 218 -0.20 19.48 13.17
N ASP A 219 0.75 20.39 13.44
CA ASP A 219 1.42 21.15 12.42
C ASP A 219 2.70 21.62 13.09
N GLY A 220 3.82 20.95 12.76
CA GLY A 220 5.07 21.32 13.34
C GLY A 220 6.19 20.68 12.57
N THR A 221 7.39 20.82 13.11
CA THR A 221 8.55 20.14 12.55
C THR A 221 8.56 18.62 12.85
N ARG A 222 9.43 17.90 12.11
CA ARG A 222 9.57 16.48 12.35
C ARG A 222 10.08 16.23 13.77
N MET A 223 10.92 17.14 14.28
CA MET A 223 11.42 17.06 15.63
C MET A 223 10.26 17.33 16.56
N GLU A 224 9.57 18.42 16.37
CA GLU A 224 8.34 18.61 17.12
C GLU A 224 7.33 17.45 17.03
N PHE A 225 7.15 16.88 15.84
CA PHE A 225 6.22 15.76 15.66
C PHE A 225 6.53 14.58 16.59
N LEU A 226 7.76 14.07 16.52
CA LEU A 226 8.15 12.89 17.36
C LEU A 226 8.01 13.19 18.88
N GLU A 227 8.37 14.42 19.28
CA GLU A 227 8.17 14.86 20.65
C GLU A 227 6.68 14.90 21.07
N LYS A 228 5.86 15.66 20.34
CA LYS A 228 4.56 16.08 20.82
C LYS A 228 3.33 15.38 20.28
N TYR A 229 3.38 14.77 19.11
CA TYR A 229 2.14 14.15 18.60
C TYR A 229 1.79 12.87 19.31
N ASP A 230 0.48 12.71 19.51
CA ASP A 230 -0.08 11.45 20.02
C ASP A 230 0.81 10.27 19.51
N PRO A 231 1.51 9.55 20.44
CA PRO A 231 2.50 8.52 20.06
C PRO A 231 1.87 7.12 19.87
N ARG A 232 0.58 6.99 20.18
CA ARG A 232 -0.12 5.70 20.34
C ARG A 232 -0.04 4.77 19.12
N PHE A 233 0.10 5.35 17.94
CA PHE A 233 0.20 4.57 16.68
C PHE A 233 1.60 4.64 15.99
N PHE A 234 2.60 5.08 16.75
CA PHE A 234 3.94 5.10 16.26
C PHE A 234 4.44 3.67 16.12
N THR A 235 5.03 3.37 14.96
CA THR A 235 5.78 2.14 14.81
C THR A 235 6.88 2.04 15.89
N SER A 236 7.47 0.84 16.02
CA SER A 236 8.51 0.58 17.03
C SER A 236 9.70 1.48 16.81
N LYS A 237 10.10 1.64 15.55
CA LYS A 237 11.25 2.50 15.19
C LYS A 237 10.96 3.97 15.52
N MET A 238 9.73 4.40 15.22
CA MET A 238 9.28 5.73 15.59
C MET A 238 9.34 5.96 17.14
N LEU A 239 9.04 4.88 17.89
CA LEU A 239 9.05 4.99 19.34
C LEU A 239 10.46 5.12 19.92
N VAL A 240 11.41 4.47 19.25
CA VAL A 240 12.84 4.60 19.59
C VAL A 240 13.34 6.01 19.26
N MET A 241 12.96 6.51 18.08
CA MET A 241 13.42 7.80 17.61
C MET A 241 12.92 8.86 18.54
N ARG A 242 11.68 8.68 18.99
CA ARG A 242 11.01 9.58 19.90
C ARG A 242 11.60 9.42 21.27
N ARG A 243 11.87 8.18 21.68
CA ARG A 243 12.38 7.93 23.03
C ARG A 243 13.59 8.84 23.22
N LEU A 244 14.39 8.91 22.18
CA LEU A 244 15.61 9.71 22.20
C LEU A 244 15.45 11.10 21.56
N VAL A 245 14.23 11.56 21.27
CA VAL A 245 14.03 12.97 20.94
C VAL A 245 13.70 13.70 22.25
N LEU A 246 13.38 12.92 23.28
CA LEU A 246 13.16 13.45 24.62
C LEU A 246 14.49 13.78 25.31
N LYS A 247 14.59 15.01 25.83
CA LYS A 247 15.76 15.61 26.47
C LYS A 247 16.83 15.92 25.43
N GLY A 248 16.65 15.74 24.17
CA GLY A 248 17.67 16.01 23.16
C GLY A 248 18.04 14.80 22.35
N GLU A 249 18.98 14.99 21.42
CA GLU A 249 19.47 13.99 20.47
C GLU A 249 18.56 13.89 19.25
N ASP A 250 19.13 14.29 18.11
CA ASP A 250 18.44 14.28 16.86
C ASP A 250 18.54 12.89 16.24
N PRO A 251 17.39 12.19 16.11
CA PRO A 251 17.39 10.78 15.63
C PRO A 251 17.62 10.62 14.11
N PHE A 252 17.59 11.71 13.34
CA PHE A 252 17.44 11.65 11.88
C PHE A 252 18.74 11.40 11.18
N SER A 253 18.65 10.59 10.11
CA SER A 253 19.78 9.78 9.62
C SER A 253 20.50 8.98 10.73
N MET A 254 21.53 9.58 11.35
CA MET A 254 22.25 8.96 12.47
C MET A 254 22.84 7.66 11.92
N SER A 255 22.09 6.56 12.12
CA SER A 255 22.20 5.28 11.41
C SER A 255 21.31 4.36 12.18
N ASP A 256 20.99 3.21 11.60
CA ASP A 256 20.00 2.32 12.23
C ASP A 256 20.48 1.66 13.56
N ASP A 257 21.70 1.14 13.58
CA ASP A 257 22.20 0.48 14.80
C ASP A 257 22.63 1.56 15.78
N GLU A 258 23.38 2.55 15.26
CA GLU A 258 23.72 3.81 15.93
C GLU A 258 22.52 4.48 16.63
N LEU A 259 21.31 4.10 16.20
CA LEU A 259 20.06 4.41 16.87
C LEU A 259 19.87 3.60 18.16
N LEU A 260 19.77 2.27 18.04
CA LEU A 260 19.51 1.35 19.18
C LEU A 260 20.55 1.38 20.31
N GLU A 261 21.83 1.31 19.97
CA GLU A 261 22.89 1.31 21.00
C GLU A 261 22.72 2.51 21.95
N ARG A 262 22.24 3.62 21.38
CA ARG A 262 22.18 4.90 22.03
C ARG A 262 20.92 5.15 22.86
N VAL A 263 19.94 4.23 22.81
CA VAL A 263 18.64 4.44 23.47
C VAL A 263 18.62 4.26 24.99
N CYS A 264 18.86 3.04 25.47
CA CYS A 264 18.98 2.85 26.92
C CYS A 264 20.40 2.68 27.44
N ASN A 265 21.32 3.33 26.73
CA ASN A 265 22.40 4.04 27.38
C ASN A 265 21.89 5.48 27.47
N SER A 266 20.80 5.60 28.22
CA SER A 266 19.96 6.79 28.35
C SER A 266 20.42 7.61 29.55
N MET B 1 -9.08 -28.47 4.85
CA MET B 1 -8.60 -29.15 3.69
C MET B 1 -7.04 -29.08 3.75
N ARG B 2 -6.40 -30.28 3.83
CA ARG B 2 -4.92 -30.38 3.74
C ARG B 2 -4.52 -29.96 2.33
N ILE B 3 -3.49 -29.12 2.22
CA ILE B 3 -2.99 -28.77 0.92
C ILE B 3 -1.55 -29.22 0.78
N GLU B 4 -1.25 -29.88 -0.32
CA GLU B 4 0.16 -30.22 -0.56
C GLU B 4 0.63 -29.90 -1.97
N VAL B 5 1.66 -29.07 -2.11
CA VAL B 5 2.20 -28.77 -3.45
C VAL B 5 3.32 -29.80 -3.65
N VAL B 6 3.25 -30.59 -4.71
CA VAL B 6 4.27 -31.66 -4.98
C VAL B 6 5.03 -31.41 -6.29
N ASN B 7 6.28 -30.97 -6.17
CA ASN B 7 7.23 -30.77 -7.28
C ASN B 7 6.65 -29.91 -8.36
N VAL B 8 5.99 -28.82 -7.97
CA VAL B 8 5.34 -27.98 -8.98
C VAL B 8 6.35 -27.11 -9.76
N SER B 9 6.29 -27.17 -11.09
CA SER B 9 6.91 -26.16 -11.93
C SER B 9 5.88 -25.44 -12.74
N HIS B 10 6.15 -24.18 -13.10
CA HIS B 10 5.28 -23.48 -14.06
C HIS B 10 6.04 -22.62 -15.05
N ILE B 11 5.68 -22.72 -16.31
CA ILE B 11 6.34 -21.96 -17.32
C ILE B 11 5.22 -21.35 -18.09
N PHE B 12 5.16 -20.03 -18.14
CA PHE B 12 4.08 -19.49 -18.97
C PHE B 12 4.44 -19.66 -20.49
N HIS B 13 3.44 -19.99 -21.31
CA HIS B 13 3.57 -20.00 -22.76
C HIS B 13 4.69 -21.01 -23.17
N ARG B 14 4.63 -22.16 -22.49
CA ARG B 14 5.55 -23.27 -22.63
C ARG B 14 5.62 -23.62 -24.12
N GLY B 15 6.82 -23.72 -24.69
CA GLY B 15 6.98 -24.23 -26.03
C GLY B 15 6.70 -23.21 -27.08
N THR B 16 6.88 -21.96 -26.76
CA THR B 16 6.72 -20.88 -27.74
C THR B 16 7.91 -19.96 -27.48
N PRO B 17 8.17 -19.00 -28.40
CA PRO B 17 9.21 -18.02 -28.07
C PRO B 17 8.90 -17.17 -26.84
N LEU B 18 7.63 -16.98 -26.47
CA LEU B 18 7.41 -16.17 -25.24
C LEU B 18 7.20 -16.99 -23.95
N GLU B 19 7.92 -18.12 -23.86
CA GLU B 19 7.90 -18.97 -22.70
C GLU B 19 8.70 -18.32 -21.56
N LYS B 20 8.05 -18.15 -20.40
CA LYS B 20 8.59 -17.47 -19.20
C LYS B 20 8.46 -18.34 -17.92
N LYS B 21 9.57 -18.68 -17.31
CA LYS B 21 9.60 -19.60 -16.19
C LYS B 21 9.10 -18.90 -14.94
N ALA B 22 8.14 -19.45 -14.23
CA ALA B 22 7.63 -18.75 -13.00
C ALA B 22 8.03 -19.49 -11.73
N LEU B 23 7.91 -20.82 -11.75
CA LEU B 23 8.25 -21.72 -10.63
C LEU B 23 9.01 -22.97 -11.08
N GLU B 24 9.88 -23.43 -10.19
CA GLU B 24 10.71 -24.63 -10.42
C GLU B 24 10.71 -25.56 -9.24
N ASN B 25 10.07 -26.72 -9.35
CA ASN B 25 10.25 -27.85 -8.38
C ASN B 25 9.89 -27.50 -6.93
N VAL B 26 8.80 -26.74 -6.83
CA VAL B 26 8.33 -26.24 -5.56
C VAL B 26 7.42 -27.27 -4.92
N SER B 27 7.79 -27.63 -3.72
CA SER B 27 7.02 -28.51 -2.89
C SER B 27 6.81 -27.88 -1.52
N LEU B 28 5.63 -28.12 -0.96
CA LEU B 28 5.32 -27.64 0.39
C LEU B 28 3.95 -28.15 0.92
N VAL B 29 3.81 -28.26 2.22
CA VAL B 29 2.49 -28.63 2.73
C VAL B 29 1.87 -27.57 3.61
N ILE B 30 0.55 -27.41 3.51
CA ILE B 30 -0.14 -26.47 4.42
C ILE B 30 -1.21 -27.27 5.14
N ASN B 31 -0.96 -27.54 6.42
CA ASN B 31 -1.95 -28.25 7.18
C ASN B 31 -3.18 -27.41 7.45
N GLU B 32 -4.35 -28.01 7.33
CA GLU B 32 -5.58 -27.38 7.78
C GLU B 32 -5.35 -26.48 8.99
N GLY B 33 -5.74 -25.22 8.82
CA GLY B 33 -5.82 -24.30 9.95
C GLY B 33 -4.55 -23.54 10.19
N GLU B 34 -3.60 -23.70 9.28
CA GLU B 34 -2.33 -22.94 9.37
C GLU B 34 -2.50 -21.62 8.68
N CYS B 35 -1.84 -20.59 9.20
CA CYS B 35 -1.68 -19.35 8.47
C CYS B 35 -0.27 -19.32 7.93
N LEU B 36 -0.11 -19.17 6.61
CA LEU B 36 1.17 -19.23 5.94
C LEU B 36 1.42 -17.94 5.16
N LEU B 37 2.59 -17.34 5.39
CA LEU B 37 3.08 -16.25 4.57
C LEU B 37 4.00 -16.76 3.46
N VAL B 38 3.71 -16.42 2.20
CA VAL B 38 4.66 -16.66 1.10
C VAL B 38 5.31 -15.35 0.70
N ALA B 39 6.62 -15.30 0.80
CA ALA B 39 7.38 -14.11 0.60
C ALA B 39 8.36 -14.27 -0.57
N GLY B 40 8.95 -13.16 -0.95
CA GLY B 40 10.02 -13.12 -1.91
C GLY B 40 9.96 -11.83 -2.69
N ASN B 41 11.09 -11.50 -3.27
CA ASN B 41 11.24 -10.34 -4.11
C ASN B 41 10.46 -10.44 -5.37
N THR B 42 10.50 -9.31 -6.07
CA THR B 42 10.33 -9.16 -7.51
C THR B 42 10.56 -10.47 -8.30
N GLY B 43 9.56 -10.85 -9.12
CA GLY B 43 9.55 -12.10 -9.85
C GLY B 43 10.01 -13.37 -9.13
N SER B 44 9.69 -13.53 -7.83
CA SER B 44 9.82 -14.81 -7.16
C SER B 44 8.79 -15.91 -7.69
N GLY B 45 7.68 -15.46 -8.27
CA GLY B 45 6.65 -16.36 -8.72
C GLY B 45 5.63 -16.68 -7.63
N LYS B 46 5.67 -16.03 -6.50
CA LYS B 46 4.67 -16.37 -5.39
C LYS B 46 3.20 -16.21 -5.68
N SER B 47 2.89 -15.19 -6.45
CA SER B 47 1.55 -14.99 -6.96
C SER B 47 1.06 -16.11 -7.95
N THR B 48 1.95 -16.52 -8.82
CA THR B 48 1.67 -17.73 -9.58
C THR B 48 1.41 -18.89 -8.69
N LEU B 49 2.16 -19.00 -7.61
CA LEU B 49 2.02 -20.15 -6.75
C LEU B 49 0.62 -20.10 -6.13
N LEU B 50 0.17 -18.92 -5.63
CA LEU B 50 -1.11 -18.86 -4.92
C LEU B 50 -2.22 -19.20 -5.88
N GLN B 51 -2.02 -18.80 -7.13
CA GLN B 51 -3.04 -19.01 -8.15
C GLN B 51 -3.12 -20.46 -8.56
N ILE B 52 -1.99 -21.10 -8.55
CA ILE B 52 -1.92 -22.57 -8.71
C ILE B 52 -2.66 -23.33 -7.57
N VAL B 53 -2.45 -22.95 -6.30
CA VAL B 53 -3.14 -23.57 -5.20
C VAL B 53 -4.61 -23.27 -5.30
N ALA B 54 -4.96 -22.08 -5.75
CA ALA B 54 -6.38 -21.69 -5.90
C ALA B 54 -7.10 -22.39 -7.04
N GLY B 55 -6.35 -23.20 -7.79
CA GLY B 55 -6.85 -23.78 -9.03
C GLY B 55 -7.09 -22.85 -10.20
N LEU B 56 -6.56 -21.64 -10.20
CA LEU B 56 -6.80 -20.76 -11.32
C LEU B 56 -5.85 -21.01 -12.49
N ILE B 57 -4.73 -21.68 -12.20
CA ILE B 57 -3.70 -21.95 -13.16
C ILE B 57 -3.38 -23.46 -13.10
N GLU B 58 -3.44 -24.17 -14.23
CA GLU B 58 -3.01 -25.56 -14.23
C GLU B 58 -1.47 -25.61 -14.34
N PRO B 59 -0.76 -26.11 -13.34
CA PRO B 59 0.69 -25.89 -13.48
C PRO B 59 1.30 -26.78 -14.58
N THR B 60 2.38 -26.34 -15.23
CA THR B 60 2.92 -27.14 -16.32
C THR B 60 3.41 -28.52 -15.87
N SER B 61 3.89 -28.63 -14.62
CA SER B 61 4.50 -29.83 -14.03
C SER B 61 4.11 -29.98 -12.55
N GLY B 62 3.98 -31.22 -12.09
CA GLY B 62 3.79 -31.50 -10.65
C GLY B 62 2.33 -31.39 -10.35
N ASP B 63 1.95 -31.39 -9.09
CA ASP B 63 0.53 -31.36 -8.69
C ASP B 63 0.36 -30.74 -7.32
N VAL B 64 -0.84 -30.25 -7.11
CA VAL B 64 -1.32 -29.84 -5.83
C VAL B 64 -2.33 -30.92 -5.39
N LEU B 65 -2.06 -31.45 -4.23
CA LEU B 65 -2.99 -32.38 -3.62
C LEU B 65 -3.85 -31.70 -2.59
N TYR B 66 -5.15 -32.01 -2.71
CA TYR B 66 -6.22 -31.55 -1.83
C TYR B 66 -6.79 -32.72 -1.03
N ASP B 67 -6.56 -32.69 0.30
CA ASP B 67 -6.87 -33.82 1.21
C ASP B 67 -6.29 -35.11 0.67
N GLY B 68 -5.05 -34.99 0.16
CA GLY B 68 -4.39 -36.14 -0.44
C GLY B 68 -4.90 -36.60 -1.79
N GLU B 69 -5.65 -35.72 -2.47
CA GLU B 69 -6.17 -36.09 -3.79
C GLU B 69 -5.86 -35.08 -4.84
N ARG B 70 -5.58 -35.57 -6.04
CA ARG B 70 -5.36 -34.57 -7.09
C ARG B 70 -6.70 -34.03 -7.61
N LYS B 71 -6.70 -32.76 -7.96
CA LYS B 71 -7.94 -32.09 -8.23
C LYS B 71 -7.70 -31.05 -9.23
N LYS B 72 -8.53 -31.01 -10.24
CA LYS B 72 -8.54 -29.89 -11.15
C LYS B 72 -9.10 -28.67 -10.41
N GLY B 73 -8.61 -27.54 -10.87
CA GLY B 73 -9.14 -26.27 -10.56
C GLY B 73 -10.65 -26.30 -10.35
N TYR B 74 -11.39 -26.74 -11.37
CA TYR B 74 -12.85 -26.56 -11.32
C TYR B 74 -13.44 -27.31 -10.21
N GLU B 75 -12.65 -28.30 -9.74
CA GLU B 75 -13.13 -29.23 -8.74
C GLU B 75 -13.00 -28.69 -7.31
N ILE B 76 -12.04 -27.80 -7.07
CA ILE B 76 -11.77 -27.34 -5.69
C ILE B 76 -12.08 -25.87 -5.50
N ARG B 77 -12.51 -25.24 -6.58
CA ARG B 77 -12.76 -23.83 -6.62
C ARG B 77 -13.80 -23.38 -5.60
N ARG B 78 -14.79 -24.23 -5.34
CA ARG B 78 -15.88 -23.83 -4.39
C ARG B 78 -15.38 -23.77 -2.92
N ASN B 79 -14.23 -24.42 -2.70
CA ASN B 79 -13.51 -24.56 -1.46
C ASN B 79 -12.45 -23.50 -1.20
N ILE B 80 -12.28 -22.58 -2.16
CA ILE B 80 -11.29 -21.52 -2.06
C ILE B 80 -11.94 -20.14 -2.07
N GLY B 81 -11.42 -19.29 -1.23
CA GLY B 81 -11.78 -17.91 -1.24
C GLY B 81 -10.49 -17.21 -1.53
N ILE B 82 -10.47 -16.41 -2.57
CA ILE B 82 -9.27 -15.68 -2.91
C ILE B 82 -9.62 -14.23 -3.20
N ALA B 83 -8.86 -13.30 -2.62
CA ALA B 83 -8.96 -11.89 -2.96
C ALA B 83 -7.63 -11.32 -3.36
N PHE B 84 -7.64 -10.34 -4.25
CA PHE B 84 -6.46 -9.56 -4.61
C PHE B 84 -6.52 -8.18 -3.99
N GLN B 85 -5.52 -7.38 -4.28
CA GLN B 85 -5.38 -6.07 -3.57
C GLN B 85 -6.44 -5.15 -4.08
N TYR B 86 -6.85 -4.18 -3.30
CA TYR B 86 -7.93 -3.27 -3.73
C TYR B 86 -9.17 -3.97 -4.30
N PRO B 87 -9.65 -5.01 -3.60
CA PRO B 87 -10.83 -5.82 -4.00
C PRO B 87 -12.10 -4.98 -4.06
N GLU B 88 -12.14 -3.92 -3.27
CA GLU B 88 -13.26 -2.97 -3.39
C GLU B 88 -13.38 -2.40 -4.82
N ASP B 89 -12.25 -2.31 -5.51
CA ASP B 89 -12.25 -1.74 -6.85
C ASP B 89 -12.92 -2.72 -7.85
N GLN B 90 -13.13 -3.95 -7.43
CA GLN B 90 -13.95 -4.87 -8.21
C GLN B 90 -15.41 -5.00 -7.74
N PHE B 91 -15.90 -4.10 -6.88
CA PHE B 91 -17.32 -4.20 -6.48
C PHE B 91 -18.17 -4.07 -7.74
N PHE B 92 -19.18 -4.91 -7.92
CA PHE B 92 -20.01 -4.78 -9.12
C PHE B 92 -21.41 -4.28 -8.66
N ALA B 93 -21.76 -4.51 -7.40
CA ALA B 93 -23.17 -4.40 -7.04
C ALA B 93 -23.60 -3.02 -6.48
N GLU B 94 -24.91 -2.76 -6.52
CA GLU B 94 -25.52 -1.53 -6.04
C GLU B 94 -25.87 -1.65 -4.54
N ARG B 95 -26.15 -2.86 -4.02
CA ARG B 95 -26.31 -3.06 -2.61
C ARG B 95 -25.23 -4.03 -2.09
N VAL B 96 -24.74 -3.72 -0.90
CA VAL B 96 -23.98 -4.63 -0.14
C VAL B 96 -24.55 -6.05 -0.21
N PHE B 97 -25.85 -6.25 -0.13
CA PHE B 97 -26.31 -7.63 -0.02
C PHE B 97 -25.87 -8.54 -1.21
N ASP B 98 -26.08 -8.02 -2.42
CA ASP B 98 -25.75 -8.67 -3.69
C ASP B 98 -24.22 -8.85 -3.85
N GLU B 99 -23.43 -7.89 -3.37
CA GLU B 99 -21.97 -7.99 -3.44
C GLU B 99 -21.49 -9.17 -2.60
N VAL B 100 -21.96 -9.25 -1.35
CA VAL B 100 -21.69 -10.38 -0.53
C VAL B 100 -22.25 -11.68 -1.06
N ALA B 101 -23.45 -11.64 -1.62
CA ALA B 101 -24.13 -12.88 -1.96
C ALA B 101 -23.55 -13.55 -3.22
N PHE B 102 -22.86 -12.77 -4.08
CA PHE B 102 -22.48 -13.27 -5.41
C PHE B 102 -21.83 -14.73 -5.44
N ALA B 103 -20.83 -14.95 -4.62
CA ALA B 103 -20.16 -16.27 -4.60
C ALA B 103 -21.05 -17.48 -4.24
N VAL B 104 -21.93 -17.35 -3.26
CA VAL B 104 -22.83 -18.46 -2.94
C VAL B 104 -23.91 -18.66 -4.02
N LYS B 105 -24.40 -17.58 -4.60
CA LYS B 105 -25.39 -17.69 -5.61
C LYS B 105 -24.72 -18.32 -6.80
N ASN B 106 -23.45 -17.99 -7.04
CA ASN B 106 -22.72 -18.61 -8.19
C ASN B 106 -22.31 -20.08 -7.88
N PHE B 107 -21.73 -20.31 -6.70
CA PHE B 107 -21.17 -21.60 -6.32
C PHE B 107 -22.23 -22.66 -5.83
N TYR B 108 -23.26 -22.18 -5.09
CA TYR B 108 -24.26 -23.10 -4.53
C TYR B 108 -25.64 -22.48 -4.72
N PRO B 109 -26.12 -22.48 -5.98
CA PRO B 109 -27.37 -21.76 -6.25
C PRO B 109 -28.51 -22.42 -5.51
N ASP B 110 -28.35 -23.67 -5.09
CA ASP B 110 -29.42 -24.37 -4.42
C ASP B 110 -29.38 -24.32 -2.83
N ARG B 111 -28.46 -23.52 -2.27
CA ARG B 111 -28.47 -23.14 -0.86
C ARG B 111 -28.98 -21.72 -0.65
N ASP B 112 -29.78 -21.57 0.39
CA ASP B 112 -30.33 -20.28 0.78
C ASP B 112 -29.22 -19.23 1.06
N PRO B 113 -29.13 -18.16 0.23
CA PRO B 113 -28.02 -17.16 0.44
C PRO B 113 -28.17 -16.31 1.70
N VAL B 114 -29.42 -16.13 2.12
CA VAL B 114 -29.70 -15.11 3.15
C VAL B 114 -28.94 -15.38 4.44
N PRO B 115 -29.07 -16.60 4.99
CA PRO B 115 -28.30 -16.90 6.15
C PRO B 115 -26.73 -16.97 5.96
N LEU B 116 -26.27 -17.24 4.73
CA LEU B 116 -24.85 -17.34 4.51
C LEU B 116 -24.31 -15.92 4.49
N VAL B 117 -25.10 -15.03 3.91
CA VAL B 117 -24.76 -13.62 3.88
C VAL B 117 -24.71 -12.98 5.29
N LYS B 118 -25.80 -13.17 6.05
CA LYS B 118 -25.91 -12.67 7.43
C LYS B 118 -24.65 -13.11 8.10
N LYS B 119 -24.33 -14.38 7.94
CA LYS B 119 -23.27 -14.89 8.76
C LYS B 119 -21.87 -14.34 8.36
N ALA B 120 -21.63 -14.16 7.05
CA ALA B 120 -20.38 -13.57 6.56
C ALA B 120 -20.35 -12.09 7.04
N MET B 121 -21.48 -11.39 7.01
CA MET B 121 -21.43 -9.96 7.32
C MET B 121 -21.14 -9.82 8.80
N GLU B 122 -21.68 -10.70 9.62
CA GLU B 122 -21.50 -10.62 11.07
CA GLU B 122 -21.48 -10.58 11.09
C GLU B 122 -20.10 -11.01 11.49
N PHE B 123 -19.57 -12.01 10.84
CA PHE B 123 -18.22 -12.48 11.13
C PHE B 123 -17.20 -11.35 10.88
N VAL B 124 -17.48 -10.52 9.89
CA VAL B 124 -16.55 -9.48 9.50
C VAL B 124 -16.82 -8.18 10.32
N GLY B 125 -17.99 -8.10 10.97
CA GLY B 125 -18.32 -7.04 11.92
C GLY B 125 -19.17 -6.01 11.25
N LEU B 126 -20.04 -6.49 10.32
CA LEU B 126 -21.03 -5.64 9.62
C LEU B 126 -22.48 -6.02 9.91
N ASP B 127 -23.15 -5.14 10.64
CA ASP B 127 -24.52 -5.40 11.05
C ASP B 127 -25.38 -5.53 9.84
N PHE B 128 -26.14 -6.63 9.78
CA PHE B 128 -26.84 -7.08 8.59
C PHE B 128 -27.81 -6.06 8.05
N ASP B 129 -28.78 -5.65 8.89
CA ASP B 129 -29.72 -4.58 8.52
C ASP B 129 -29.14 -3.20 8.34
N SER B 130 -28.02 -2.88 9.01
CA SER B 130 -27.39 -1.57 8.87
C SER B 130 -26.53 -1.44 7.62
N PHE B 131 -26.16 -2.54 6.97
CA PHE B 131 -25.33 -2.44 5.76
C PHE B 131 -25.92 -3.10 4.53
N LYS B 132 -26.83 -4.06 4.68
CA LYS B 132 -27.21 -4.89 3.54
C LYS B 132 -27.77 -4.10 2.35
N ASP B 133 -28.42 -2.96 2.59
CA ASP B 133 -28.97 -2.13 1.53
C ASP B 133 -28.12 -0.92 1.17
N ARG B 134 -26.97 -0.71 1.82
CA ARG B 134 -26.12 0.42 1.45
C ARG B 134 -25.41 0.25 0.06
N VAL B 135 -25.01 1.36 -0.55
CA VAL B 135 -24.26 1.28 -1.79
C VAL B 135 -22.81 1.06 -1.45
N PRO B 136 -22.27 -0.08 -1.88
CA PRO B 136 -20.91 -0.48 -1.52
C PRO B 136 -19.92 0.63 -1.79
N PHE B 137 -20.02 1.31 -2.92
CA PHE B 137 -19.10 2.41 -3.27
C PHE B 137 -18.99 3.59 -2.27
N PHE B 138 -20.08 3.86 -1.60
CA PHE B 138 -20.06 4.94 -0.61
C PHE B 138 -19.87 4.50 0.85
N LEU B 139 -19.48 3.23 1.03
CA LEU B 139 -19.05 2.79 2.33
C LEU B 139 -17.74 3.48 2.60
N SER B 140 -17.44 3.64 3.86
CA SER B 140 -16.16 4.09 4.32
C SER B 140 -15.08 3.06 3.94
N GLY B 141 -13.80 3.46 3.89
CA GLY B 141 -12.73 2.56 3.37
C GLY B 141 -12.62 1.24 4.15
N GLY B 142 -12.77 1.37 5.48
CA GLY B 142 -12.87 0.26 6.42
C GLY B 142 -14.04 -0.70 6.15
N GLU B 143 -15.24 -0.14 6.03
CA GLU B 143 -16.43 -0.90 5.74
C GLU B 143 -16.38 -1.67 4.40
N LYS B 144 -15.77 -1.05 3.40
CA LYS B 144 -15.57 -1.59 2.06
C LYS B 144 -14.73 -2.83 2.14
N ARG B 145 -13.61 -2.69 2.84
CA ARG B 145 -12.67 -3.78 3.02
C ARG B 145 -13.30 -5.00 3.74
N ARG B 146 -14.07 -4.76 4.81
CA ARG B 146 -14.95 -5.74 5.44
C ARG B 146 -15.98 -6.44 4.49
N VAL B 147 -16.67 -5.65 3.63
CA VAL B 147 -17.52 -6.19 2.57
C VAL B 147 -16.76 -7.13 1.57
N ALA B 148 -15.58 -6.69 1.13
CA ALA B 148 -14.77 -7.46 0.24
C ALA B 148 -14.47 -8.85 0.86
N ILE B 149 -13.95 -8.85 2.06
CA ILE B 149 -13.65 -10.06 2.81
C ILE B 149 -14.89 -10.93 3.02
N ALA B 150 -16.02 -10.34 3.44
CA ALA B 150 -17.31 -11.06 3.56
C ALA B 150 -17.62 -11.74 2.23
N SER B 151 -17.31 -11.09 1.13
CA SER B 151 -17.76 -11.67 -0.12
C SER B 151 -16.88 -12.87 -0.58
N VAL B 152 -15.69 -13.07 0.02
CA VAL B 152 -14.88 -14.26 -0.33
C VAL B 152 -14.90 -15.40 0.74
N ILE B 153 -15.57 -15.14 1.89
CA ILE B 153 -15.83 -16.21 2.88
C ILE B 153 -17.30 -16.67 2.98
N VAL B 154 -18.19 -15.99 2.27
CA VAL B 154 -19.62 -16.27 2.33
C VAL B 154 -19.94 -17.74 2.02
N HIS B 155 -19.18 -18.35 1.12
CA HIS B 155 -19.48 -19.73 0.65
C HIS B 155 -18.79 -20.75 1.49
N GLU B 156 -18.10 -20.22 2.51
CA GLU B 156 -17.42 -21.01 3.53
C GLU B 156 -16.29 -21.90 2.94
N PRO B 157 -15.31 -21.24 2.25
CA PRO B 157 -14.23 -22.10 1.76
C PRO B 157 -13.43 -22.66 2.93
N ASP B 158 -12.72 -23.78 2.71
CA ASP B 158 -11.75 -24.31 3.67
C ASP B 158 -10.45 -23.44 3.69
N ILE B 159 -10.19 -22.82 2.56
CA ILE B 159 -8.94 -22.09 2.31
C ILE B 159 -9.25 -20.57 1.98
N LEU B 160 -8.62 -19.68 2.72
CA LEU B 160 -8.67 -18.23 2.41
C LEU B 160 -7.30 -17.85 1.91
N ILE B 161 -7.28 -17.30 0.71
CA ILE B 161 -6.08 -16.87 0.05
C ILE B 161 -6.11 -15.36 -0.26
N LEU B 162 -5.19 -14.63 0.37
CA LEU B 162 -5.08 -13.19 0.24
C LEU B 162 -3.78 -12.72 -0.42
N ASP B 163 -3.91 -12.25 -1.64
CA ASP B 163 -2.78 -11.70 -2.34
C ASP B 163 -2.71 -10.19 -2.05
N GLU B 164 -1.69 -9.82 -1.29
CA GLU B 164 -1.43 -8.46 -0.88
C GLU B 164 -2.69 -7.80 -0.31
N PRO B 165 -3.23 -8.33 0.80
CA PRO B 165 -4.46 -7.67 1.25
C PRO B 165 -4.20 -6.32 1.85
N LEU B 166 -2.94 -6.04 2.16
CA LEU B 166 -2.61 -4.85 2.94
C LEU B 166 -2.21 -3.63 2.11
N VAL B 167 -1.88 -3.79 0.84
CA VAL B 167 -1.49 -2.65 0.06
C VAL B 167 -2.60 -1.62 0.07
N GLY B 168 -2.22 -0.36 0.28
CA GLY B 168 -3.14 0.76 0.28
C GLY B 168 -3.86 0.95 1.59
N LEU B 169 -3.51 0.15 2.58
CA LEU B 169 -4.21 0.28 3.85
C LEU B 169 -3.40 1.07 4.89
N ASP B 170 -4.11 1.89 5.67
CA ASP B 170 -3.54 2.59 6.80
C ASP B 170 -3.49 1.63 8.01
N ARG B 171 -2.88 2.06 9.10
CA ARG B 171 -2.63 1.22 10.23
C ARG B 171 -3.95 0.66 10.79
N GLU B 172 -5.05 1.36 10.59
CA GLU B 172 -6.28 0.99 11.25
C GLU B 172 -6.95 -0.13 10.46
N GLY B 173 -6.85 0.03 9.14
CA GLY B 173 -7.29 -0.92 8.16
C GLY B 173 -6.54 -2.21 8.35
N LYS B 174 -5.21 -2.13 8.40
CA LYS B 174 -4.35 -3.31 8.61
C LYS B 174 -4.81 -4.10 9.85
N THR B 175 -4.97 -3.41 10.97
CA THR B 175 -5.32 -4.01 12.25
C THR B 175 -6.65 -4.69 12.18
N ASP B 176 -7.62 -4.06 11.54
CA ASP B 176 -8.91 -4.66 11.40
C ASP B 176 -8.91 -5.87 10.44
N LEU B 177 -8.30 -5.69 9.28
CA LEU B 177 -8.21 -6.77 8.36
C LEU B 177 -7.48 -7.98 9.06
N LEU B 178 -6.41 -7.73 9.81
CA LEU B 178 -5.63 -8.83 10.43
C LEU B 178 -6.36 -9.44 11.62
N ARG B 179 -7.30 -8.66 12.17
CA ARG B 179 -8.27 -9.14 13.15
C ARG B 179 -9.20 -10.21 12.59
N ILE B 180 -9.70 -9.99 11.37
CA ILE B 180 -10.65 -10.90 10.71
C ILE B 180 -9.90 -12.19 10.40
N VAL B 181 -8.63 -12.05 10.06
CA VAL B 181 -7.77 -13.18 9.78
C VAL B 181 -7.56 -14.01 11.08
N GLU B 182 -7.33 -13.34 12.21
CA GLU B 182 -7.32 -14.09 13.44
C GLU B 182 -8.63 -14.91 13.68
N LYS B 183 -9.79 -14.35 13.40
CA LYS B 183 -11.01 -15.09 13.66
C LYS B 183 -11.16 -16.26 12.72
N TRP B 184 -10.66 -16.10 11.49
CA TRP B 184 -10.67 -17.16 10.48
C TRP B 184 -9.82 -18.34 11.00
N LYS B 185 -8.59 -18.04 11.41
CA LYS B 185 -7.72 -19.04 12.00
C LYS B 185 -8.41 -19.72 13.21
N THR B 186 -9.14 -18.91 14.01
CA THR B 186 -9.80 -19.47 15.17
C THR B 186 -10.85 -20.51 14.78
N LEU B 187 -11.44 -20.36 13.62
CA LEU B 187 -12.31 -21.39 13.17
C LEU B 187 -11.57 -22.69 12.79
N GLY B 188 -10.23 -22.70 12.66
CA GLY B 188 -9.47 -23.91 12.23
C GLY B 188 -9.36 -24.01 10.70
N LYS B 189 -9.56 -22.87 10.03
CA LYS B 189 -9.45 -22.82 8.59
C LYS B 189 -8.08 -22.31 8.16
N THR B 190 -7.71 -22.58 6.92
CA THR B 190 -6.43 -22.25 6.44
C THR B 190 -6.40 -20.85 5.81
N VAL B 191 -5.29 -20.13 6.09
CA VAL B 191 -5.06 -18.90 5.36
C VAL B 191 -3.68 -18.78 4.75
N ILE B 192 -3.65 -18.38 3.50
CA ILE B 192 -2.41 -18.15 2.79
C ILE B 192 -2.31 -16.72 2.32
N LEU B 193 -1.19 -16.06 2.61
CA LEU B 193 -1.00 -14.68 2.21
C LEU B 193 0.33 -14.33 1.60
N ILE B 194 0.31 -13.43 0.65
CA ILE B 194 1.51 -12.70 0.28
C ILE B 194 1.33 -11.26 0.70
N SER B 195 2.40 -10.66 1.13
CA SER B 195 2.37 -9.32 1.56
C SER B 195 3.78 -8.79 1.64
N HIS B 196 4.06 -7.70 0.92
CA HIS B 196 5.40 -7.10 0.94
C HIS B 196 5.77 -6.74 2.40
N ASP B 197 4.74 -6.47 3.20
CA ASP B 197 4.88 -6.00 4.60
C ASP B 197 5.12 -7.13 5.61
N ILE B 198 6.25 -7.81 5.43
CA ILE B 198 6.54 -8.99 6.20
C ILE B 198 6.47 -8.61 7.69
N GLU B 199 7.01 -7.46 8.05
CA GLU B 199 7.01 -7.04 9.43
C GLU B 199 5.63 -6.96 10.09
N THR B 200 4.64 -6.37 9.43
CA THR B 200 3.30 -6.39 10.00
C THR B 200 2.69 -7.80 10.10
N VAL B 201 2.94 -8.67 9.16
CA VAL B 201 2.13 -9.88 9.03
C VAL B 201 2.69 -11.09 9.78
N ILE B 202 4.01 -11.10 9.93
CA ILE B 202 4.70 -12.15 10.67
C ILE B 202 4.06 -12.40 12.05
N ASN B 203 3.45 -11.39 12.63
CA ASN B 203 2.81 -11.52 13.97
C ASN B 203 1.56 -12.35 13.94
N HIS B 204 1.09 -12.62 12.72
CA HIS B 204 -0.17 -13.29 12.51
C HIS B 204 0.02 -14.58 11.75
N VAL B 205 1.27 -14.99 11.59
CA VAL B 205 1.44 -16.17 10.76
C VAL B 205 2.07 -17.36 11.52
N ASP B 206 1.88 -18.58 11.05
CA ASP B 206 2.65 -19.70 11.63
C ASP B 206 3.98 -20.03 10.91
N ARG B 207 3.98 -19.99 9.59
CA ARG B 207 5.09 -20.39 8.73
C ARG B 207 5.30 -19.37 7.68
N VAL B 208 6.52 -19.38 7.16
CA VAL B 208 6.93 -18.53 6.08
C VAL B 208 7.58 -19.45 5.02
N VAL B 209 7.20 -19.23 3.76
CA VAL B 209 7.92 -19.81 2.63
C VAL B 209 8.42 -18.63 1.86
N VAL B 210 9.68 -18.72 1.44
CA VAL B 210 10.30 -17.71 0.62
C VAL B 210 10.62 -18.37 -0.67
N LEU B 211 10.15 -17.72 -1.74
CA LEU B 211 10.57 -17.97 -3.12
C LEU B 211 11.57 -16.90 -3.54
N GLU B 212 12.33 -17.22 -4.56
CA GLU B 212 13.42 -16.44 -5.11
C GLU B 212 13.61 -17.01 -6.51
N LYS B 213 13.29 -16.22 -7.53
CA LYS B 213 13.45 -16.63 -8.92
C LYS B 213 12.83 -18.03 -9.21
N GLY B 214 11.62 -18.25 -8.71
CA GLY B 214 10.89 -19.45 -8.95
C GLY B 214 11.17 -20.66 -8.07
N LYS B 215 12.13 -20.53 -7.17
CA LYS B 215 12.56 -21.57 -6.29
C LYS B 215 12.21 -21.36 -4.85
N LYS B 216 11.78 -22.45 -4.19
CA LYS B 216 11.65 -22.41 -2.76
C LYS B 216 13.03 -22.43 -2.07
N VAL B 217 13.30 -21.38 -1.28
CA VAL B 217 14.58 -21.19 -0.59
C VAL B 217 14.46 -21.15 0.92
N PHE B 218 13.24 -21.04 1.40
CA PHE B 218 12.97 -21.17 2.83
C PHE B 218 11.59 -21.76 3.03
N ASP B 219 11.47 -22.57 4.08
CA ASP B 219 10.21 -23.17 4.46
C ASP B 219 10.32 -23.54 5.93
N GLY B 220 9.65 -22.79 6.79
CA GLY B 220 9.72 -23.09 8.20
C GLY B 220 8.74 -22.27 9.01
N THR B 221 8.83 -22.37 10.33
CA THR B 221 7.99 -21.53 11.17
C THR B 221 8.45 -20.08 11.19
N ARG B 222 7.61 -19.21 11.74
CA ARG B 222 8.00 -17.82 11.91
C ARG B 222 9.23 -17.60 12.83
N MET B 223 9.31 -18.37 13.92
CA MET B 223 10.53 -18.49 14.77
C MET B 223 11.78 -18.85 13.94
N GLU B 224 11.72 -19.96 13.18
CA GLU B 224 12.86 -20.35 12.34
C GLU B 224 13.20 -19.29 11.32
N PHE B 225 12.19 -18.56 10.84
CA PHE B 225 12.38 -17.54 9.81
C PHE B 225 13.31 -16.44 10.30
N LEU B 226 12.98 -15.76 11.40
CA LEU B 226 13.87 -14.66 11.78
C LEU B 226 15.25 -15.11 12.33
N GLU B 227 15.26 -16.27 12.98
CA GLU B 227 16.45 -16.98 13.39
C GLU B 227 17.38 -17.40 12.24
N LYS B 228 16.84 -17.84 11.11
CA LYS B 228 17.67 -18.52 10.10
C LYS B 228 17.69 -17.91 8.70
N TYR B 229 16.61 -17.28 8.29
CA TYR B 229 16.56 -16.69 6.96
C TYR B 229 17.53 -15.50 6.86
N ASP B 230 18.12 -15.29 5.68
CA ASP B 230 18.88 -14.06 5.33
C ASP B 230 18.24 -12.77 5.90
N PRO B 231 18.86 -12.10 6.90
CA PRO B 231 18.26 -10.87 7.51
C PRO B 231 18.61 -9.55 6.80
N ARG B 232 19.29 -9.65 5.66
CA ARG B 232 19.67 -8.52 4.78
C ARG B 232 18.58 -7.46 4.73
N PHE B 233 17.37 -7.83 4.30
CA PHE B 233 16.33 -6.84 4.12
C PHE B 233 15.30 -6.80 5.21
N PHE B 234 15.72 -7.26 6.41
CA PHE B 234 14.91 -7.11 7.64
C PHE B 234 14.84 -5.66 8.11
N THR B 235 13.63 -5.17 8.29
CA THR B 235 13.40 -3.94 9.05
C THR B 235 14.08 -3.90 10.48
N SER B 236 14.24 -2.68 10.98
CA SER B 236 14.71 -2.44 12.35
C SER B 236 14.13 -3.42 13.38
N LYS B 237 12.81 -3.50 13.47
CA LYS B 237 12.22 -4.29 14.53
C LYS B 237 12.30 -5.76 14.20
N MET B 238 12.28 -6.14 12.92
CA MET B 238 12.42 -7.55 12.68
C MET B 238 13.78 -7.97 13.27
N LEU B 239 14.81 -7.11 13.10
CA LEU B 239 16.21 -7.40 13.44
C LEU B 239 16.42 -7.44 14.94
N VAL B 240 15.54 -6.76 15.63
CA VAL B 240 15.54 -6.78 17.06
C VAL B 240 14.88 -8.11 17.49
N MET B 241 13.79 -8.49 16.80
CA MET B 241 13.10 -9.76 17.08
C MET B 241 14.04 -10.97 16.86
N ARG B 242 15.00 -10.78 15.95
CA ARG B 242 15.95 -11.80 15.53
C ARG B 242 16.96 -12.13 16.62
N ARG B 243 17.78 -11.15 17.00
CA ARG B 243 18.66 -11.19 18.20
C ARG B 243 17.95 -11.85 19.38
N LEU B 244 16.82 -11.25 19.74
CA LEU B 244 15.96 -11.81 20.74
C LEU B 244 15.83 -13.31 20.55
N VAL B 245 15.21 -13.71 19.45
CA VAL B 245 15.10 -15.11 18.99
C VAL B 245 16.41 -15.90 18.96
N LEU B 246 17.49 -15.28 18.47
CA LEU B 246 18.75 -15.98 18.22
C LEU B 246 19.27 -16.65 19.47
N LYS B 247 18.65 -17.81 19.72
CA LYS B 247 18.64 -18.48 21.02
C LYS B 247 18.18 -17.53 22.12
N GLY B 248 16.96 -17.76 22.58
CA GLY B 248 16.35 -16.91 23.59
C GLY B 248 14.86 -17.03 23.48
N GLU B 249 14.21 -15.88 23.28
CA GLU B 249 12.81 -15.74 23.64
C GLU B 249 11.92 -15.71 22.41
N ASP B 250 10.58 -15.61 22.68
CA ASP B 250 9.56 -15.50 21.63
C ASP B 250 9.06 -14.06 21.55
N PRO B 251 9.66 -13.23 20.67
CA PRO B 251 9.35 -11.81 20.60
C PRO B 251 7.95 -11.50 20.08
N PHE B 252 7.23 -12.51 19.65
CA PHE B 252 5.88 -12.30 19.11
C PHE B 252 4.81 -12.09 20.18
N SER B 253 5.05 -12.65 21.38
CA SER B 253 4.20 -12.42 22.56
C SER B 253 4.31 -10.98 23.06
N MET B 254 5.58 -10.52 23.22
CA MET B 254 5.97 -9.18 23.71
C MET B 254 5.28 -7.95 23.10
N SER B 255 5.12 -6.89 23.90
CA SER B 255 4.61 -5.61 23.41
C SER B 255 5.50 -4.39 23.65
N ASP B 256 6.30 -4.08 22.64
CA ASP B 256 7.20 -2.90 22.58
C ASP B 256 8.03 -2.53 23.85
N ASP B 257 7.80 -3.20 24.97
CA ASP B 257 8.78 -3.30 26.06
C ASP B 257 9.98 -4.07 25.53
N GLU B 258 9.69 -4.96 24.57
CA GLU B 258 10.57 -5.56 23.54
C GLU B 258 12.06 -5.14 23.49
N LEU B 259 12.34 -3.86 23.70
CA LEU B 259 13.70 -3.37 23.91
C LEU B 259 14.46 -4.12 25.01
N LEU B 260 14.87 -5.36 24.73
CA LEU B 260 15.67 -6.11 25.68
C LEU B 260 17.15 -6.02 25.28
N GLU B 261 17.57 -4.77 25.07
CA GLU B 261 18.97 -4.38 24.88
C GLU B 261 19.60 -4.29 26.25
N ARG B 262 18.74 -4.43 27.26
CA ARG B 262 19.05 -4.87 28.62
C ARG B 262 20.25 -5.87 28.63
N VAL B 263 20.81 -6.07 27.44
CA VAL B 263 22.01 -6.89 27.15
C VAL B 263 21.74 -8.39 27.39
#